data_7VNG
#
_entry.id   7VNG
#
_cell.length_a   113.598
_cell.length_b   174.678
_cell.length_c   97.412
_cell.angle_alpha   90.000
_cell.angle_beta   90.000
_cell.angle_gamma   90.000
#
_symmetry.space_group_name_H-M   'C 2 2 2'
#
loop_
_entity.id
_entity.type
_entity.pdbx_description
1 polymer 'Spike glycoprotein S1'
2 polymer 'S11 Fab heavy chain'
3 polymer 'S11 Fab light chain'
4 non-polymer 2-acetamido-2-deoxy-beta-D-glucopyranose
#
loop_
_entity_poly.entity_id
_entity_poly.type
_entity_poly.pdbx_seq_one_letter_code
_entity_poly.pdbx_strand_id
1 'polypeptide(L)'
;PVYHKHTFIVLYVDFKPQSGGGKCFNCYPAGVNITLANFNETKGPLCVDTSHFTTKYVAVYANVGRWSASINTGNCPFSF
GKVNNFVKFGSVCFSLKDIPGGCAMPIVANWAYSKYYTIGSLYVSWSDGDGITGVPQPVEGVENLYFQ
;
D
2 'polypeptide(L)'
;EVQLVESGGGLVQPGGSLRLSCAASGFNISSSYIHWVRQAPGKGLEWVASIYSSYGYTYYADSVKGRFTISADTSKNTAY
LQMNSLRAEDTAVYYCARWWITFGGAGGGLDYWGQGTLVTVSSASTKGPSVFPLAPSSKSTSGGTAALGCLVKDYFPEPV
TVSWNSGALTSGVHTFPAVLQSSGLYSLSSVVTVPSSSLGTQTYICNVNHKPSNTKVDKKV
;
H
3 'polypeptide(L)'
;DIQMTQSPSSLSASVGDRVTITCRASQSVSSAVAWYQQKPGKAPKLLIYSASSLYSGVPSRFSGSRSGTDFTLTISSLQP
EDFATYYCQQGYAWRNTFGQGTKVEIKRTVAAPSVFIFPPSDSQLKSGTASVVCLLNNFYPREAKVQWKVDNALQSGNSQ
ESVTEQDSKDSTYSLSSTLTLSKADYEKHKVYACEVTHQGLSSPVTKSFNRGEC
;
L
#
loop_
_chem_comp.id
_chem_comp.type
_chem_comp.name
_chem_comp.formula
NAG D-saccharide, beta linking 2-acetamido-2-deoxy-beta-D-glucopyranose 'C8 H15 N O6'
#
# COMPACT_ATOMS: atom_id res chain seq x y z
N HIS A 6 32.22 -3.58 9.54
CA HIS A 6 31.57 -3.24 8.28
C HIS A 6 31.12 -4.50 7.54
N THR A 7 30.97 -4.39 6.23
CA THR A 7 30.54 -5.49 5.39
C THR A 7 31.44 -5.60 4.18
N PHE A 8 31.93 -6.80 3.90
CA PHE A 8 32.79 -7.02 2.74
C PHE A 8 31.97 -7.19 1.47
N ILE A 9 32.42 -6.57 0.40
CA ILE A 9 31.84 -6.74 -0.93
C ILE A 9 32.95 -7.31 -1.81
N VAL A 10 33.01 -8.64 -1.89
CA VAL A 10 34.09 -9.33 -2.58
C VAL A 10 33.61 -9.75 -3.96
N LEU A 11 34.40 -9.42 -4.99
CA LEU A 11 34.12 -9.80 -6.36
C LEU A 11 35.22 -10.76 -6.82
N TYR A 12 34.88 -12.03 -6.94
CA TYR A 12 35.83 -13.06 -7.38
C TYR A 12 35.79 -13.18 -8.89
N VAL A 13 36.96 -13.09 -9.52
CA VAL A 13 37.12 -13.33 -10.95
C VAL A 13 37.96 -14.58 -11.12
N ASP A 14 37.45 -15.53 -11.90
CA ASP A 14 38.11 -16.82 -12.06
C ASP A 14 37.93 -17.33 -13.49
N PHE A 15 39.02 -17.84 -14.06
CA PHE A 15 38.94 -18.54 -15.34
C PHE A 15 40.14 -19.47 -15.47
N LYS A 16 39.92 -20.57 -16.19
CA LYS A 16 40.98 -21.53 -16.50
C LYS A 16 41.26 -21.48 -17.99
N PRO A 17 42.43 -20.98 -18.42
CA PRO A 17 42.84 -20.90 -19.82
C PRO A 17 42.91 -22.26 -20.51
N LYS A 23 44.21 -22.88 -32.03
CA LYS A 23 45.60 -22.45 -31.91
C LYS A 23 45.83 -21.73 -30.58
N CYS A 24 45.12 -20.62 -30.37
CA CYS A 24 45.27 -19.86 -29.14
C CYS A 24 44.66 -20.65 -27.99
N PHE A 25 45.51 -21.41 -27.29
CA PHE A 25 45.01 -22.33 -26.28
C PHE A 25 44.33 -21.59 -25.13
N ASN A 26 45.01 -20.60 -24.55
CA ASN A 26 44.46 -19.92 -23.39
C ASN A 26 43.26 -19.05 -23.75
N CYS A 27 43.06 -18.73 -25.03
CA CYS A 27 41.92 -17.94 -25.45
C CYS A 27 40.61 -18.60 -25.01
N TYR A 28 39.60 -17.77 -24.80
CA TYR A 28 38.26 -18.21 -24.42
C TYR A 28 38.27 -19.12 -23.19
N PRO A 29 38.83 -18.66 -22.06
CA PRO A 29 38.82 -19.51 -20.87
C PRO A 29 37.40 -19.65 -20.32
N ALA A 30 36.93 -20.90 -20.24
CA ALA A 30 35.60 -21.19 -19.69
C ALA A 30 35.69 -21.11 -18.16
N GLY A 31 35.85 -19.89 -17.67
CA GLY A 31 35.77 -19.58 -16.26
C GLY A 31 34.53 -18.79 -15.91
N VAL A 32 33.64 -19.39 -15.12
CA VAL A 32 32.35 -18.78 -14.84
C VAL A 32 32.11 -18.60 -13.34
N ASN A 33 33.08 -18.93 -12.49
CA ASN A 33 32.85 -18.81 -11.05
C ASN A 33 32.88 -17.36 -10.57
N ILE A 34 32.52 -16.43 -11.45
CA ILE A 34 32.33 -15.04 -11.02
C ILE A 34 31.17 -15.04 -10.04
N THR A 35 31.48 -14.79 -8.76
CA THR A 35 30.50 -14.93 -7.70
C THR A 35 30.55 -13.71 -6.78
N LEU A 36 29.44 -13.48 -6.09
CA LEU A 36 29.30 -12.40 -5.13
C LEU A 36 28.96 -12.98 -3.76
N ALA A 37 29.27 -12.22 -2.71
CA ALA A 37 29.12 -12.69 -1.34
C ALA A 37 27.64 -12.86 -0.99
N ASN A 38 27.20 -14.12 -0.90
CA ASN A 38 25.84 -14.45 -0.47
C ASN A 38 24.80 -13.70 -1.30
N PHE A 39 24.99 -13.72 -2.61
CA PHE A 39 24.13 -12.99 -3.54
C PHE A 39 23.04 -13.94 -4.03
N ASN A 40 21.95 -14.01 -3.26
CA ASN A 40 20.76 -14.72 -3.70
C ASN A 40 20.07 -13.88 -4.76
N GLU A 41 20.32 -14.20 -6.03
CA GLU A 41 19.85 -13.34 -7.12
C GLU A 41 18.33 -13.19 -7.10
N THR A 42 17.61 -14.26 -6.76
CA THR A 42 16.16 -14.17 -6.67
C THR A 42 15.73 -13.30 -5.50
N LYS A 43 16.48 -13.34 -4.40
CA LYS A 43 16.22 -12.41 -3.30
C LYS A 43 16.44 -10.97 -3.73
N GLY A 44 17.39 -10.74 -4.64
CA GLY A 44 17.68 -9.41 -5.11
C GLY A 44 19.15 -9.07 -4.98
N PRO A 45 19.53 -7.88 -5.42
CA PRO A 45 20.93 -7.44 -5.28
C PRO A 45 21.36 -7.38 -3.82
N LEU A 46 22.62 -7.70 -3.59
CA LEU A 46 23.21 -7.65 -2.26
C LEU A 46 23.36 -6.20 -1.83
N CYS A 47 22.55 -5.77 -0.86
CA CYS A 47 22.45 -4.36 -0.50
C CYS A 47 23.26 -4.05 0.75
N VAL A 48 23.79 -2.83 0.78
CA VAL A 48 24.57 -2.35 1.92
C VAL A 48 23.60 -1.90 3.01
N ASP A 49 23.56 -2.63 4.12
CA ASP A 49 22.75 -2.27 5.27
C ASP A 49 23.55 -1.69 6.42
N THR A 50 24.86 -1.88 6.43
CA THR A 50 25.74 -1.25 7.41
C THR A 50 26.19 0.11 6.92
N SER A 51 26.54 0.98 7.85
CA SER A 51 27.01 2.31 7.48
C SER A 51 28.39 2.28 6.81
N HIS A 52 29.08 1.15 6.85
CA HIS A 52 30.42 1.04 6.28
C HIS A 52 30.51 -0.26 5.50
N PHE A 53 31.33 -0.23 4.44
CA PHE A 53 31.52 -1.41 3.59
C PHE A 53 32.86 -1.30 2.88
N THR A 54 33.45 -2.46 2.61
CA THR A 54 34.77 -2.54 1.99
C THR A 54 34.66 -3.23 0.63
N THR A 55 34.95 -2.48 -0.43
CA THR A 55 35.05 -3.05 -1.76
C THR A 55 36.32 -3.90 -1.89
N LYS A 56 36.18 -5.10 -2.46
CA LYS A 56 37.29 -6.04 -2.54
C LYS A 56 37.23 -6.77 -3.88
N TYR A 57 38.38 -6.84 -4.55
CA TYR A 57 38.50 -7.52 -5.84
C TYR A 57 39.46 -8.69 -5.70
N VAL A 58 39.01 -9.88 -6.06
CA VAL A 58 39.75 -11.12 -5.83
C VAL A 58 40.13 -11.73 -7.17
N ALA A 59 41.38 -12.12 -7.32
CA ALA A 59 41.88 -12.71 -8.56
C ALA A 59 42.03 -14.22 -8.36
N VAL A 60 40.90 -14.93 -8.50
CA VAL A 60 40.93 -16.38 -8.40
C VAL A 60 41.52 -16.99 -9.67
N TYR A 61 41.36 -16.33 -10.81
CA TYR A 61 41.97 -16.80 -12.05
C TYR A 61 43.49 -16.85 -11.89
N ALA A 62 44.09 -17.91 -12.43
CA ALA A 62 45.54 -18.06 -12.39
C ALA A 62 46.20 -16.94 -13.19
N ASN A 63 46.86 -16.01 -12.49
CA ASN A 63 47.43 -14.84 -13.14
C ASN A 63 48.76 -15.30 -13.74
N VAL A 64 48.66 -16.06 -14.83
CA VAL A 64 49.86 -16.40 -15.59
C VAL A 64 50.45 -15.11 -16.14
N GLY A 65 51.79 -15.06 -16.16
CA GLY A 65 52.50 -13.87 -16.63
C GLY A 65 51.99 -13.36 -17.96
N ARG A 66 51.49 -14.27 -18.81
CA ARG A 66 50.91 -13.86 -20.08
C ARG A 66 49.59 -13.11 -19.92
N TRP A 67 48.88 -13.32 -18.80
CA TRP A 67 47.52 -12.84 -18.62
C TRP A 67 47.43 -11.79 -17.52
N SER A 68 46.30 -11.10 -17.53
CA SER A 68 45.91 -10.13 -16.50
C SER A 68 44.41 -9.89 -16.64
N ALA A 69 43.87 -8.96 -15.86
CA ALA A 69 42.44 -8.65 -15.93
C ALA A 69 42.24 -7.19 -15.55
N SER A 70 40.97 -6.78 -15.50
CA SER A 70 40.59 -5.41 -15.14
C SER A 70 39.11 -5.38 -14.81
N ILE A 71 38.67 -4.26 -14.22
CA ILE A 71 37.29 -4.08 -13.79
C ILE A 71 36.78 -2.72 -14.25
N ASN A 72 37.59 -2.01 -15.03
CA ASN A 72 37.25 -0.65 -15.45
C ASN A 72 35.86 -0.60 -16.05
N THR A 73 35.06 0.35 -15.58
CA THR A 73 33.67 0.50 -16.00
C THR A 73 33.47 1.82 -16.73
N GLY A 74 32.89 1.75 -17.91
CA GLY A 74 32.58 2.95 -18.65
C GLY A 74 31.19 3.48 -18.32
N ASN A 75 30.27 2.56 -18.05
CA ASN A 75 28.91 2.97 -17.74
C ASN A 75 28.77 3.54 -16.34
N CYS A 76 29.74 3.31 -15.46
CA CYS A 76 29.67 3.79 -14.09
C CYS A 76 30.58 5.00 -13.90
N PRO A 77 30.30 5.81 -12.87
CA PRO A 77 31.21 6.94 -12.56
C PRO A 77 32.51 6.54 -11.91
N PHE A 78 32.61 5.34 -11.33
CA PHE A 78 33.72 5.01 -10.44
C PHE A 78 34.21 3.60 -10.72
N SER A 79 35.50 3.46 -10.94
CA SER A 79 36.08 2.13 -11.03
C SER A 79 36.01 1.43 -9.67
N PHE A 80 35.85 0.11 -9.72
CA PHE A 80 35.82 -0.69 -8.51
C PHE A 80 37.14 -0.52 -7.76
N GLY A 81 37.07 -0.11 -6.50
CA GLY A 81 38.26 0.27 -5.78
C GLY A 81 38.46 1.77 -5.63
N LYS A 82 37.65 2.59 -6.31
CA LYS A 82 37.38 3.94 -5.87
C LYS A 82 36.15 4.04 -4.97
N VAL A 83 35.31 2.99 -4.95
CA VAL A 83 34.22 2.86 -3.97
C VAL A 83 34.76 2.76 -2.55
N ASN A 84 35.93 2.11 -2.39
CA ASN A 84 36.54 2.03 -1.07
C ASN A 84 36.82 3.41 -0.50
N ASN A 85 37.30 4.32 -1.35
CA ASN A 85 37.42 5.72 -0.96
C ASN A 85 36.09 6.26 -0.48
N PHE A 86 36.14 7.20 0.47
CA PHE A 86 34.92 7.78 1.03
C PHE A 86 34.19 8.56 -0.06
N VAL A 87 33.04 8.05 -0.47
CA VAL A 87 32.28 8.61 -1.59
C VAL A 87 30.83 8.80 -1.15
N LYS A 88 30.16 9.79 -1.75
CA LYS A 88 28.78 10.10 -1.43
C LYS A 88 27.85 9.00 -1.97
N PHE A 89 27.32 8.21 -1.05
CA PHE A 89 26.25 7.27 -1.35
C PHE A 89 25.22 7.38 -0.23
N GLY A 90 23.97 7.01 -0.52
CA GLY A 90 22.99 6.90 0.53
C GLY A 90 22.76 5.45 0.89
N SER A 91 22.97 4.59 -0.11
CA SER A 91 22.82 3.15 -0.06
C SER A 91 23.37 2.63 -1.36
N VAL A 92 23.67 1.34 -1.40
CA VAL A 92 24.24 0.74 -2.59
C VAL A 92 24.09 -0.77 -2.55
N CYS A 93 23.54 -1.34 -3.61
CA CYS A 93 23.43 -2.79 -3.75
C CYS A 93 24.29 -3.23 -4.92
N PHE A 94 24.89 -4.41 -4.80
CA PHE A 94 25.71 -4.98 -5.84
C PHE A 94 25.07 -6.25 -6.36
N SER A 95 25.11 -6.45 -7.66
CA SER A 95 24.47 -7.59 -8.30
C SER A 95 25.22 -7.93 -9.58
N LEU A 96 25.05 -9.18 -10.03
CA LEU A 96 25.58 -9.60 -11.31
C LEU A 96 24.51 -9.70 -12.37
N LYS A 97 23.28 -9.29 -12.05
CA LYS A 97 22.21 -9.12 -13.02
C LYS A 97 21.95 -7.63 -13.23
N ASP A 98 21.48 -7.30 -14.42
CA ASP A 98 21.31 -5.90 -14.80
C ASP A 98 20.38 -5.19 -13.82
N ILE A 99 20.83 -4.06 -13.30
CA ILE A 99 20.03 -3.23 -12.41
C ILE A 99 19.52 -2.05 -13.23
N PRO A 100 18.21 -1.94 -13.46
CA PRO A 100 17.70 -0.88 -14.34
C PRO A 100 17.91 0.49 -13.74
N GLY A 101 18.25 1.45 -14.60
CA GLY A 101 18.57 2.79 -14.14
C GLY A 101 19.88 2.93 -13.41
N GLY A 102 20.70 1.89 -13.41
CA GLY A 102 22.03 1.98 -12.82
C GLY A 102 23.13 1.93 -13.85
N CYS A 103 24.18 1.16 -13.59
CA CYS A 103 25.33 1.10 -14.48
C CYS A 103 25.95 -0.29 -14.49
N ALA A 104 27.04 -0.47 -15.24
CA ALA A 104 27.60 -1.80 -15.42
C ALA A 104 29.11 -1.71 -15.61
N MET A 105 29.81 -2.73 -15.13
CA MET A 105 31.27 -2.80 -15.21
C MET A 105 31.71 -3.99 -16.04
N PRO A 106 32.33 -3.80 -17.21
CA PRO A 106 32.85 -4.95 -17.95
C PRO A 106 34.07 -5.54 -17.27
N ILE A 107 34.14 -6.87 -17.27
CA ILE A 107 35.29 -7.57 -16.71
C ILE A 107 36.11 -8.15 -17.85
N VAL A 108 36.92 -7.30 -18.48
CA VAL A 108 37.71 -7.75 -19.62
C VAL A 108 38.80 -8.72 -19.15
N ALA A 109 39.26 -9.54 -20.08
CA ALA A 109 40.36 -10.46 -19.86
C ALA A 109 41.32 -10.36 -21.02
N ASN A 110 42.61 -10.35 -20.72
CA ASN A 110 43.65 -10.23 -21.74
C ASN A 110 44.41 -11.55 -21.82
N TRP A 111 44.30 -12.22 -22.97
CA TRP A 111 45.27 -13.26 -23.30
C TRP A 111 46.67 -12.67 -23.27
N ALA A 112 46.81 -11.45 -23.78
CA ALA A 112 48.00 -10.62 -23.65
C ALA A 112 47.56 -9.18 -23.90
N TYR A 113 48.52 -8.26 -23.97
CA TYR A 113 48.20 -6.91 -24.38
C TYR A 113 47.66 -6.86 -25.82
N SER A 114 47.83 -7.93 -26.58
CA SER A 114 47.42 -7.95 -27.98
C SER A 114 45.92 -8.14 -28.16
N LYS A 115 45.27 -8.91 -27.29
CA LYS A 115 43.86 -9.24 -27.46
C LYS A 115 43.14 -9.20 -26.12
N TYR A 116 41.92 -8.65 -26.15
CA TYR A 116 41.08 -8.52 -24.97
C TYR A 116 39.71 -9.14 -25.25
N TYR A 117 38.98 -9.45 -24.18
CA TYR A 117 37.56 -9.76 -24.28
C TYR A 117 36.93 -9.76 -22.90
N THR A 118 35.70 -9.28 -22.83
CA THR A 118 34.94 -9.26 -21.59
C THR A 118 34.43 -10.66 -21.25
N ILE A 119 34.19 -10.88 -19.96
CA ILE A 119 33.66 -12.17 -19.49
C ILE A 119 32.32 -11.92 -18.83
N GLY A 120 32.34 -11.22 -17.69
CA GLY A 120 31.14 -10.88 -16.96
C GLY A 120 30.96 -9.38 -16.86
N SER A 121 29.88 -8.99 -16.19
CA SER A 121 29.59 -7.60 -15.94
C SER A 121 29.11 -7.43 -14.52
N LEU A 122 29.66 -6.46 -13.80
CA LEU A 122 29.28 -6.16 -12.44
C LEU A 122 28.31 -4.97 -12.45
N TYR A 123 27.09 -5.19 -11.98
CA TYR A 123 26.08 -4.16 -11.90
C TYR A 123 25.93 -3.70 -10.46
N VAL A 124 25.75 -2.39 -10.27
CA VAL A 124 25.68 -1.80 -8.94
C VAL A 124 24.49 -0.86 -8.87
N SER A 125 23.68 -1.01 -7.82
CA SER A 125 22.59 -0.08 -7.56
C SER A 125 23.16 1.22 -7.00
N TRP A 126 22.25 2.15 -6.72
CA TRP A 126 22.70 3.47 -6.31
C TRP A 126 21.52 4.20 -5.68
N SER A 127 21.81 4.95 -4.61
CA SER A 127 20.80 5.73 -3.89
C SER A 127 21.29 7.16 -3.70
N ASP A 128 20.37 8.01 -3.28
CA ASP A 128 20.56 9.46 -3.37
C ASP A 128 21.63 9.97 -2.43
N GLY A 129 22.28 11.05 -2.86
CA GLY A 129 23.10 11.87 -1.99
C GLY A 129 24.26 11.13 -1.35
N ASP A 130 24.43 11.36 -0.05
CA ASP A 130 25.61 10.95 0.70
C ASP A 130 25.23 10.37 2.05
N GLY A 131 24.24 9.47 2.05
CA GLY A 131 23.80 8.88 3.30
C GLY A 131 24.74 7.85 3.87
N ILE A 132 25.54 7.18 3.04
CA ILE A 132 26.46 6.14 3.47
C ILE A 132 27.76 6.26 2.69
N THR A 133 28.88 6.13 3.39
CA THR A 133 30.20 6.23 2.79
C THR A 133 30.89 4.87 2.78
N GLY A 134 31.82 4.69 1.83
CA GLY A 134 32.59 3.48 1.73
C GLY A 134 33.72 3.43 2.74
N VAL A 135 34.50 2.35 2.66
CA VAL A 135 35.60 2.12 3.59
C VAL A 135 36.74 1.41 2.87
N PRO A 136 37.97 1.94 2.91
CA PRO A 136 39.09 1.28 2.23
C PRO A 136 40.02 0.53 3.19
N GLN A 137 39.49 0.08 4.32
CA GLN A 137 40.31 -0.60 5.32
C GLN A 137 41.04 -1.82 4.76
N GLU B 1 -4.84 10.70 -18.10
CA GLU B 1 -4.40 9.60 -18.96
C GLU B 1 -3.56 8.61 -18.16
N VAL B 2 -2.71 9.13 -17.29
CA VAL B 2 -1.89 8.28 -16.42
C VAL B 2 -2.81 7.61 -15.41
N GLN B 3 -2.96 6.29 -15.51
CA GLN B 3 -3.84 5.55 -14.62
C GLN B 3 -3.27 4.16 -14.41
N LEU B 4 -3.44 3.65 -13.19
CA LEU B 4 -3.29 2.24 -12.88
C LEU B 4 -4.66 1.69 -12.52
N VAL B 5 -5.04 0.58 -13.16
CA VAL B 5 -6.40 0.05 -13.08
C VAL B 5 -6.31 -1.40 -12.60
N GLU B 6 -6.74 -1.63 -11.36
CA GLU B 6 -6.86 -2.99 -10.84
C GLU B 6 -8.23 -3.56 -11.18
N SER B 7 -8.26 -4.84 -11.54
CA SER B 7 -9.52 -5.50 -11.86
C SER B 7 -9.34 -7.00 -11.71
N GLY B 8 -10.45 -7.72 -11.70
CA GLY B 8 -10.40 -9.17 -11.68
C GLY B 8 -10.31 -9.75 -10.29
N GLY B 9 -11.09 -9.20 -9.35
CA GLY B 9 -11.19 -9.72 -8.02
C GLY B 9 -12.55 -10.34 -7.74
N GLY B 10 -12.88 -10.41 -6.46
CA GLY B 10 -14.17 -10.95 -6.05
C GLY B 10 -14.12 -11.98 -4.94
N LEU B 11 -15.06 -12.92 -4.98
CA LEU B 11 -15.24 -13.91 -3.93
C LEU B 11 -14.71 -15.25 -4.40
N VAL B 12 -13.96 -15.93 -3.54
CA VAL B 12 -13.28 -17.16 -3.91
C VAL B 12 -13.41 -18.18 -2.78
N GLN B 13 -13.53 -19.45 -3.17
CA GLN B 13 -13.56 -20.54 -2.22
C GLN B 13 -12.19 -20.74 -1.58
N PRO B 14 -12.12 -21.46 -0.47
CA PRO B 14 -10.80 -21.78 0.11
C PRO B 14 -9.98 -22.61 -0.85
N GLY B 15 -8.70 -22.26 -0.96
CA GLY B 15 -7.82 -22.97 -1.88
C GLY B 15 -8.16 -22.78 -3.34
N GLY B 16 -8.97 -21.76 -3.67
CA GLY B 16 -9.32 -21.47 -5.04
C GLY B 16 -8.26 -20.66 -5.77
N SER B 17 -8.66 -20.11 -6.91
CA SER B 17 -7.72 -19.44 -7.80
C SER B 17 -8.37 -18.21 -8.40
N LEU B 18 -7.62 -17.10 -8.40
CA LEU B 18 -8.06 -15.85 -8.99
C LEU B 18 -6.92 -15.24 -9.81
N ARG B 19 -7.25 -14.21 -10.59
CA ARG B 19 -6.28 -13.53 -11.43
C ARG B 19 -6.58 -12.04 -11.43
N LEU B 20 -5.66 -11.26 -10.87
CA LEU B 20 -5.77 -9.81 -10.85
C LEU B 20 -5.06 -9.23 -12.07
N SER B 21 -5.73 -8.33 -12.77
CA SER B 21 -5.19 -7.65 -13.94
C SER B 21 -4.99 -6.17 -13.60
N CYS B 22 -3.77 -5.69 -13.81
CA CYS B 22 -3.39 -4.31 -13.53
C CYS B 22 -3.06 -3.64 -14.86
N ALA B 23 -4.07 -3.00 -15.45
CA ALA B 23 -3.85 -2.24 -16.67
C ALA B 23 -3.23 -0.89 -16.35
N ALA B 24 -2.65 -0.27 -17.36
CA ALA B 24 -1.98 1.01 -17.16
C ALA B 24 -2.12 1.86 -18.40
N SER B 25 -2.13 3.18 -18.20
CA SER B 25 -2.08 4.12 -19.30
C SER B 25 -1.32 5.36 -18.85
N GLY B 26 -0.88 6.15 -19.84
CA GLY B 26 -0.04 7.29 -19.58
C GLY B 26 1.42 6.97 -19.36
N PHE B 27 1.78 5.70 -19.26
CA PHE B 27 3.17 5.27 -19.11
C PHE B 27 3.27 3.81 -19.51
N ASN B 28 4.46 3.43 -19.97
CA ASN B 28 4.73 2.03 -20.33
C ASN B 28 5.24 1.30 -19.10
N ILE B 29 4.64 0.14 -18.82
CA ILE B 29 4.95 -0.57 -17.58
C ILE B 29 6.37 -1.13 -17.61
N SER B 30 6.89 -1.46 -18.79
CA SER B 30 8.22 -2.07 -18.87
C SER B 30 9.31 -1.12 -18.41
N SER B 31 9.09 0.19 -18.55
CA SER B 31 10.08 1.18 -18.16
C SER B 31 10.10 1.42 -16.65
N SER B 32 9.29 0.71 -15.87
CA SER B 32 9.22 0.88 -14.43
C SER B 32 9.02 -0.46 -13.76
N TYR B 33 9.01 -0.46 -12.43
CA TYR B 33 8.63 -1.63 -11.66
C TYR B 33 7.15 -1.55 -11.33
N ILE B 34 6.51 -2.72 -11.24
CA ILE B 34 5.12 -2.82 -10.83
C ILE B 34 5.05 -3.76 -9.63
N HIS B 35 4.54 -3.26 -8.51
CA HIS B 35 4.38 -4.01 -7.28
C HIS B 35 2.90 -4.28 -6.99
N TRP B 36 2.66 -5.26 -6.13
CA TRP B 36 1.36 -5.48 -5.53
C TRP B 36 1.49 -5.32 -4.02
N VAL B 37 0.47 -4.73 -3.40
CA VAL B 37 0.42 -4.51 -1.96
C VAL B 37 -0.99 -4.82 -1.49
N ARG B 38 -1.12 -5.64 -0.43
CA ARG B 38 -2.43 -6.05 0.03
C ARG B 38 -2.72 -5.47 1.40
N GLN B 39 -3.90 -4.87 1.56
CA GLN B 39 -4.33 -4.33 2.84
C GLN B 39 -5.49 -5.17 3.34
N ALA B 40 -5.30 -5.84 4.47
CA ALA B 40 -6.39 -6.60 5.05
C ALA B 40 -7.41 -5.65 5.68
N PRO B 41 -8.68 -6.02 5.69
CA PRO B 41 -9.69 -5.14 6.31
C PRO B 41 -9.39 -4.91 7.78
N GLY B 42 -9.30 -3.63 8.15
CA GLY B 42 -8.91 -3.27 9.50
C GLY B 42 -7.47 -3.63 9.82
N LYS B 43 -6.57 -3.53 8.85
CA LYS B 43 -5.17 -3.85 9.06
C LYS B 43 -4.32 -2.81 8.30
N GLY B 44 -3.01 -3.03 8.29
CA GLY B 44 -2.09 -2.16 7.59
C GLY B 44 -1.70 -2.72 6.23
N LEU B 45 -0.67 -2.11 5.65
CA LEU B 45 -0.17 -2.53 4.35
C LEU B 45 0.72 -3.76 4.51
N GLU B 46 0.44 -4.80 3.72
CA GLU B 46 1.21 -6.03 3.71
C GLU B 46 1.92 -6.13 2.37
N TRP B 47 3.22 -6.39 2.43
CA TRP B 47 4.06 -6.43 1.25
C TRP B 47 3.77 -7.67 0.42
N VAL B 48 3.52 -7.46 -0.87
CA VAL B 48 3.37 -8.59 -1.79
C VAL B 48 4.51 -8.48 -2.81
N ALA B 49 4.33 -9.08 -3.97
CA ALA B 49 5.40 -9.28 -4.93
C ALA B 49 5.51 -8.13 -5.92
N SER B 50 6.61 -8.12 -6.67
CA SER B 50 6.91 -7.07 -7.62
C SER B 50 7.56 -7.67 -8.86
N ILE B 51 7.57 -6.88 -9.93
CA ILE B 51 8.12 -7.33 -11.20
C ILE B 51 8.67 -6.13 -11.96
N TYR B 52 9.86 -6.32 -12.53
CA TYR B 52 10.33 -5.49 -13.62
C TYR B 52 9.96 -6.22 -14.91
N SER B 53 8.96 -5.69 -15.61
CA SER B 53 8.36 -6.42 -16.73
C SER B 53 9.25 -6.43 -17.95
N SER B 54 10.12 -5.44 -18.11
CA SER B 54 10.99 -5.40 -19.28
C SER B 54 12.00 -6.54 -19.24
N TYR B 55 12.77 -6.65 -18.16
CA TYR B 55 13.72 -7.74 -18.03
C TYR B 55 13.07 -9.01 -17.53
N GLY B 56 11.87 -8.93 -16.99
CA GLY B 56 11.17 -10.09 -16.47
C GLY B 56 11.50 -10.45 -15.04
N TYR B 57 12.12 -9.56 -14.28
CA TYR B 57 12.46 -9.86 -12.90
C TYR B 57 11.21 -10.00 -12.05
N THR B 58 11.07 -11.14 -11.38
CA THR B 58 9.91 -11.42 -10.53
C THR B 58 10.40 -11.64 -9.10
N TYR B 59 10.20 -10.65 -8.24
CA TYR B 59 10.49 -10.77 -6.82
C TYR B 59 9.18 -11.02 -6.07
N TYR B 60 9.27 -11.73 -4.95
CA TYR B 60 8.09 -12.13 -4.19
C TYR B 60 8.27 -11.79 -2.71
N ALA B 61 7.25 -12.12 -1.92
CA ALA B 61 7.27 -11.91 -0.49
C ALA B 61 7.52 -13.23 0.25
N ASP B 62 7.67 -13.13 1.57
CA ASP B 62 7.98 -14.30 2.39
C ASP B 62 6.76 -15.15 2.68
N SER B 63 5.55 -14.59 2.57
CA SER B 63 4.34 -15.35 2.83
C SER B 63 3.77 -15.95 1.56
N VAL B 64 3.62 -15.13 0.52
CA VAL B 64 3.09 -15.58 -0.76
C VAL B 64 4.24 -15.72 -1.76
N LYS B 65 4.97 -16.83 -1.68
CA LYS B 65 6.03 -17.10 -2.64
C LYS B 65 5.80 -18.36 -3.44
N GLY B 66 5.26 -19.41 -2.83
CA GLY B 66 4.94 -20.63 -3.55
C GLY B 66 3.46 -20.73 -3.86
N ARG B 67 2.76 -19.61 -3.75
CA ARG B 67 1.31 -19.57 -3.97
C ARG B 67 0.90 -18.54 -5.01
N PHE B 68 1.51 -17.37 -5.02
CA PHE B 68 1.19 -16.32 -5.99
C PHE B 68 2.24 -16.31 -7.10
N THR B 69 1.84 -15.81 -8.26
CA THR B 69 2.72 -15.74 -9.42
C THR B 69 2.50 -14.44 -10.16
N ILE B 70 3.57 -13.70 -10.42
CA ILE B 70 3.49 -12.40 -11.06
C ILE B 70 3.85 -12.55 -12.53
N SER B 71 3.25 -11.72 -13.37
CA SER B 71 3.53 -11.73 -14.80
C SER B 71 3.13 -10.37 -15.38
N ALA B 72 3.32 -10.23 -16.69
CA ALA B 72 2.93 -9.01 -17.38
C ALA B 72 2.89 -9.28 -18.87
N ASP B 73 2.11 -8.46 -19.58
CA ASP B 73 2.01 -8.46 -21.04
C ASP B 73 2.29 -7.03 -21.48
N THR B 74 3.53 -6.78 -21.93
CA THR B 74 3.93 -5.43 -22.28
C THR B 74 3.31 -4.98 -23.59
N SER B 75 3.01 -5.92 -24.50
CA SER B 75 2.21 -5.58 -25.66
C SER B 75 0.82 -5.11 -25.24
N LYS B 76 0.28 -5.69 -24.17
CA LYS B 76 -0.97 -5.22 -23.58
C LYS B 76 -0.76 -4.13 -22.54
N ASN B 77 0.48 -3.89 -22.12
CA ASN B 77 0.81 -2.89 -21.11
C ASN B 77 0.07 -3.17 -19.81
N THR B 78 0.01 -4.44 -19.42
CA THR B 78 -0.81 -4.85 -18.29
C THR B 78 -0.09 -5.91 -17.47
N ALA B 79 0.05 -5.67 -16.16
CA ALA B 79 0.61 -6.68 -15.27
C ALA B 79 -0.48 -7.60 -14.75
N TYR B 80 -0.07 -8.72 -14.16
CA TYR B 80 -1.02 -9.73 -13.72
C TYR B 80 -0.48 -10.45 -12.49
N LEU B 81 -1.40 -10.89 -11.65
CA LEU B 81 -1.09 -11.68 -10.46
C LEU B 81 -2.06 -12.86 -10.40
N GLN B 82 -1.53 -14.07 -10.55
CA GLN B 82 -2.31 -15.29 -10.42
C GLN B 82 -2.15 -15.82 -9.00
N MET B 83 -3.27 -15.95 -8.29
CA MET B 83 -3.28 -16.35 -6.88
C MET B 83 -3.93 -17.72 -6.75
N ASN B 84 -3.18 -18.68 -6.19
CA ASN B 84 -3.66 -20.05 -6.02
C ASN B 84 -3.48 -20.51 -4.57
N SER B 85 -4.37 -21.42 -4.14
CA SER B 85 -4.33 -22.05 -2.81
C SER B 85 -4.57 -21.02 -1.70
N LEU B 86 -5.65 -20.26 -1.84
CA LEU B 86 -5.89 -19.12 -0.97
C LEU B 86 -6.43 -19.55 0.39
N ARG B 87 -6.13 -18.75 1.41
CA ARG B 87 -6.66 -18.89 2.76
C ARG B 87 -7.15 -17.54 3.25
N ALA B 88 -7.83 -17.54 4.40
CA ALA B 88 -8.37 -16.32 4.98
C ALA B 88 -7.27 -15.38 5.49
N GLU B 89 -6.01 -15.79 5.46
CA GLU B 89 -4.93 -14.85 5.72
C GLU B 89 -4.67 -13.95 4.52
N ASP B 90 -5.12 -14.36 3.34
CA ASP B 90 -4.91 -13.59 2.11
C ASP B 90 -6.08 -12.69 1.74
N THR B 91 -7.28 -12.97 2.24
CA THR B 91 -8.44 -12.16 1.89
C THR B 91 -8.23 -10.72 2.34
N ALA B 92 -8.30 -9.79 1.38
CA ALA B 92 -7.84 -8.42 1.58
C ALA B 92 -8.11 -7.62 0.32
N VAL B 93 -7.84 -6.31 0.33
CA VAL B 93 -7.94 -5.51 -0.88
C VAL B 93 -6.54 -5.32 -1.45
N TYR B 94 -6.36 -5.68 -2.71
CA TYR B 94 -5.07 -5.67 -3.37
C TYR B 94 -4.95 -4.47 -4.28
N TYR B 95 -3.78 -3.83 -4.26
CA TYR B 95 -3.49 -2.64 -5.05
C TYR B 95 -2.25 -2.93 -5.88
N CYS B 96 -2.31 -2.63 -7.18
CA CYS B 96 -1.09 -2.63 -7.98
C CYS B 96 -0.54 -1.22 -8.03
N ALA B 97 0.77 -1.11 -8.17
CA ALA B 97 1.42 0.17 -7.96
C ALA B 97 2.69 0.26 -8.78
N ARG B 98 3.08 1.49 -9.12
CA ARG B 98 4.22 1.77 -9.98
C ARG B 98 5.37 2.33 -9.15
N TRP B 99 6.52 1.65 -9.22
CA TRP B 99 7.77 2.07 -8.61
C TRP B 99 8.69 2.60 -9.70
N TRP B 100 9.14 3.85 -9.55
CA TRP B 100 10.05 4.49 -10.48
C TRP B 100 11.45 4.57 -9.89
N ILE B 101 12.44 4.59 -10.77
CA ILE B 101 13.84 4.51 -10.37
C ILE B 101 14.43 5.91 -10.22
N THR B 102 15.27 6.07 -9.19
CA THR B 102 16.14 7.24 -9.12
C THR B 102 17.08 7.27 -10.32
N PHE B 103 17.83 8.37 -10.43
CA PHE B 103 18.92 8.37 -11.39
C PHE B 103 19.99 7.34 -11.06
N GLY B 104 19.87 6.66 -9.91
CA GLY B 104 20.59 5.43 -9.68
C GLY B 104 19.67 4.24 -9.45
N GLY B 105 20.24 3.09 -9.10
CA GLY B 105 19.51 1.84 -9.14
C GLY B 105 18.57 1.59 -7.98
N ALA B 106 18.61 2.39 -6.92
CA ALA B 106 17.75 2.10 -5.77
C ALA B 106 16.27 2.21 -6.10
N GLY B 107 15.92 3.04 -7.08
CA GLY B 107 14.56 3.51 -7.22
C GLY B 107 14.31 4.72 -6.32
N GLY B 108 13.37 5.55 -6.73
CA GLY B 108 12.91 6.63 -5.87
C GLY B 108 11.95 6.11 -4.81
N GLY B 109 11.11 5.19 -5.25
CA GLY B 109 10.09 4.62 -4.41
C GLY B 109 8.93 4.19 -5.28
N LEU B 110 7.81 3.93 -4.63
CA LEU B 110 6.59 3.54 -5.31
C LEU B 110 5.84 4.82 -5.68
N ASP B 111 5.92 5.21 -6.96
CA ASP B 111 5.25 6.41 -7.42
C ASP B 111 3.75 6.31 -7.24
N TYR B 112 3.14 5.50 -8.08
CA TYR B 112 1.75 5.64 -8.42
C TYR B 112 0.92 4.49 -7.85
N TRP B 113 -0.31 4.82 -7.45
CA TRP B 113 -1.21 3.86 -6.86
C TRP B 113 -2.49 3.76 -7.69
N GLY B 114 -3.21 2.67 -7.49
CA GLY B 114 -4.55 2.51 -7.99
C GLY B 114 -5.54 2.46 -6.83
N GLN B 115 -6.81 2.37 -7.18
CA GLN B 115 -7.86 2.25 -6.17
C GLN B 115 -7.96 0.83 -5.61
N GLY B 116 -7.42 -0.15 -6.31
CA GLY B 116 -7.39 -1.52 -5.81
C GLY B 116 -8.74 -2.20 -5.88
N THR B 117 -8.71 -3.52 -5.69
CA THR B 117 -9.94 -4.31 -5.63
C THR B 117 -9.79 -5.38 -4.56
N LEU B 118 -10.88 -5.69 -3.88
CA LEU B 118 -10.83 -6.57 -2.72
C LEU B 118 -11.26 -7.99 -3.10
N VAL B 119 -10.49 -8.96 -2.62
CA VAL B 119 -10.80 -10.38 -2.76
C VAL B 119 -11.18 -10.92 -1.39
N THR B 120 -12.17 -11.81 -1.38
CA THR B 120 -12.70 -12.37 -0.14
C THR B 120 -12.65 -13.89 -0.23
N VAL B 121 -11.84 -14.51 0.63
CA VAL B 121 -11.71 -15.96 0.69
C VAL B 121 -12.80 -16.46 1.64
N SER B 122 -13.87 -17.00 1.08
CA SER B 122 -14.99 -17.45 1.89
C SER B 122 -15.75 -18.53 1.14
N SER B 123 -16.38 -19.42 1.90
CA SER B 123 -17.27 -20.45 1.37
C SER B 123 -18.74 -20.12 1.57
N ALA B 124 -19.04 -18.96 2.15
CA ALA B 124 -20.41 -18.54 2.39
C ALA B 124 -21.07 -18.07 1.09
N SER B 125 -22.40 -18.05 1.11
CA SER B 125 -23.16 -17.66 -0.07
C SER B 125 -23.25 -16.14 -0.19
N THR B 126 -23.60 -15.68 -1.38
CA THR B 126 -23.76 -14.26 -1.65
C THR B 126 -25.06 -13.99 -2.41
N GLY B 128 -27.60 -10.49 -1.79
CA GLY B 128 -28.88 -9.93 -2.17
C GLY B 128 -29.49 -9.05 -1.10
N PRO B 129 -29.03 -7.80 -1.02
CA PRO B 129 -29.48 -6.90 0.04
C PRO B 129 -30.87 -6.35 -0.20
N SER B 130 -31.42 -5.74 0.84
CA SER B 130 -32.68 -5.02 0.82
C SER B 130 -32.43 -3.57 1.24
N VAL B 131 -33.09 -2.64 0.56
CA VAL B 131 -32.88 -1.22 0.75
C VAL B 131 -34.16 -0.59 1.27
N PHE B 132 -34.11 -0.04 2.48
CA PHE B 132 -35.24 0.62 3.11
C PHE B 132 -34.80 1.88 3.82
N PRO B 133 -35.55 2.98 3.70
CA PRO B 133 -35.23 4.26 4.35
C PRO B 133 -35.16 4.17 5.87
N SER B 138 -39.75 14.68 10.07
CA SER B 138 -39.42 15.74 11.00
C SER B 138 -38.90 15.17 12.31
N LYS B 139 -37.62 15.38 12.60
CA LYS B 139 -37.01 14.83 13.80
C LYS B 139 -36.26 15.87 14.61
N SER B 140 -35.54 16.78 13.95
CA SER B 140 -34.86 17.90 14.59
C SER B 140 -34.30 18.84 13.53
N THR B 141 -33.56 19.86 13.94
CA THR B 141 -32.99 20.79 12.98
C THR B 141 -31.56 21.15 13.39
N GLY B 149 -32.69 8.75 4.48
CA GLY B 149 -31.47 7.97 4.61
C GLY B 149 -31.66 6.51 4.22
N CYS B 150 -30.98 6.11 3.14
CA CYS B 150 -31.13 4.76 2.64
C CYS B 150 -30.42 3.75 3.54
N LEU B 151 -31.05 2.59 3.74
CA LEU B 151 -30.57 1.54 4.63
C LEU B 151 -30.36 0.27 3.83
N VAL B 152 -29.12 -0.23 3.85
CA VAL B 152 -28.75 -1.48 3.20
C VAL B 152 -28.71 -2.58 4.25
N LYS B 153 -29.37 -3.70 3.97
CA LYS B 153 -29.43 -4.81 4.92
C LYS B 153 -29.25 -6.11 4.16
N ASP B 154 -28.68 -7.12 4.84
CA ASP B 154 -28.64 -8.50 4.35
C ASP B 154 -27.82 -8.63 3.05
N TYR B 155 -26.57 -8.19 3.11
CA TYR B 155 -25.68 -8.32 1.97
C TYR B 155 -24.37 -8.96 2.40
N PHE B 156 -23.75 -9.66 1.45
CA PHE B 156 -22.44 -10.27 1.66
C PHE B 156 -21.79 -10.61 0.33
N PRO B 157 -20.51 -10.27 0.14
CA PRO B 157 -19.75 -9.46 1.09
C PRO B 157 -19.59 -8.02 0.60
N GLU B 158 -18.61 -7.32 1.15
CA GLU B 158 -18.29 -5.97 0.69
C GLU B 158 -17.71 -6.03 -0.71
N PRO B 159 -17.75 -4.92 -1.47
CA PRO B 159 -18.22 -3.57 -1.11
C PRO B 159 -19.65 -3.28 -1.52
N VAL B 160 -20.12 -2.07 -1.19
CA VAL B 160 -21.43 -1.58 -1.56
C VAL B 160 -21.31 -0.10 -1.88
N THR B 161 -21.71 0.28 -3.09
CA THR B 161 -21.62 1.67 -3.54
C THR B 161 -22.90 2.40 -3.14
N VAL B 162 -22.74 3.60 -2.56
CA VAL B 162 -23.85 4.45 -2.16
C VAL B 162 -23.64 5.82 -2.77
N SER B 163 -24.67 6.34 -3.45
CA SER B 163 -24.63 7.67 -4.02
C SER B 163 -26.04 8.26 -3.95
N TRP B 164 -26.15 9.53 -4.31
CA TRP B 164 -27.44 10.24 -4.30
C TRP B 164 -27.63 10.94 -5.63
N ASN B 165 -28.68 10.53 -6.37
CA ASN B 165 -29.00 11.07 -7.68
C ASN B 165 -27.83 10.90 -8.65
N SER B 166 -27.17 9.74 -8.58
CA SER B 166 -26.07 9.38 -9.47
C SER B 166 -24.90 10.37 -9.35
N GLY B 167 -24.44 10.53 -8.12
CA GLY B 167 -23.30 11.39 -7.85
C GLY B 167 -23.54 12.85 -8.17
N ALA B 168 -24.78 13.33 -8.00
CA ALA B 168 -25.10 14.71 -8.33
C ALA B 168 -24.44 15.66 -7.34
N LEU B 169 -24.90 15.63 -6.10
CA LEU B 169 -24.29 16.42 -5.04
C LEU B 169 -24.55 15.71 -3.74
N THR B 170 -23.46 15.35 -3.05
CA THR B 170 -23.53 14.84 -1.69
C THR B 170 -22.50 15.62 -0.88
N SER B 171 -22.96 16.66 -0.20
CA SER B 171 -22.10 17.48 0.64
C SER B 171 -22.49 17.29 2.10
N GLY B 172 -21.49 17.11 2.96
CA GLY B 172 -21.75 16.84 4.36
C GLY B 172 -22.37 15.50 4.66
N VAL B 173 -22.47 14.60 3.68
CA VAL B 173 -23.06 13.29 3.91
C VAL B 173 -22.03 12.37 4.53
N HIS B 174 -22.45 11.64 5.57
CA HIS B 174 -21.62 10.64 6.22
C HIS B 174 -22.14 9.25 5.89
N THR B 175 -21.22 8.36 5.55
CA THR B 175 -21.55 6.97 5.22
C THR B 175 -21.03 6.05 6.31
N PHE B 176 -21.87 5.08 6.70
CA PHE B 176 -21.46 4.23 7.81
C PHE B 176 -20.92 2.90 7.29
N PRO B 177 -19.86 2.39 7.92
CA PRO B 177 -19.30 1.10 7.51
C PRO B 177 -20.30 -0.04 7.72
N ALA B 178 -19.90 -1.21 7.24
CA ALA B 178 -20.75 -2.40 7.32
C ALA B 178 -20.93 -2.81 8.77
N VAL B 179 -22.19 -2.96 9.19
CA VAL B 179 -22.51 -3.43 10.53
C VAL B 179 -22.47 -4.95 10.49
N LEU B 180 -21.48 -5.54 11.16
CA LEU B 180 -21.31 -6.99 11.16
C LEU B 180 -22.45 -7.65 11.92
N GLN B 181 -23.30 -8.36 11.18
CA GLN B 181 -24.31 -9.21 11.80
C GLN B 181 -23.69 -10.56 12.15
N SER B 182 -23.86 -10.99 13.40
CA SER B 182 -23.19 -12.19 13.88
C SER B 182 -23.55 -13.43 13.07
N SER B 183 -24.67 -13.41 12.35
CA SER B 183 -25.01 -14.53 11.48
C SER B 183 -24.10 -14.60 10.26
N GLY B 184 -23.45 -13.50 9.89
CA GLY B 184 -22.54 -13.48 8.76
C GLY B 184 -22.93 -12.50 7.66
N LEU B 185 -24.09 -11.88 7.71
CA LEU B 185 -24.49 -10.88 6.74
C LEU B 185 -23.99 -9.49 7.20
N TYR B 186 -24.27 -8.48 6.37
CA TYR B 186 -23.85 -7.12 6.69
C TYR B 186 -25.05 -6.19 6.61
N SER B 187 -24.80 -4.93 6.99
CA SER B 187 -25.81 -3.88 6.98
C SER B 187 -25.10 -2.55 7.19
N LEU B 188 -25.64 -1.50 6.59
CA LEU B 188 -25.15 -0.15 6.82
C LEU B 188 -26.21 0.84 6.37
N SER B 189 -25.86 2.13 6.39
CA SER B 189 -26.77 3.17 5.95
C SER B 189 -25.97 4.42 5.63
N SER B 190 -26.64 5.40 5.02
CA SER B 190 -26.06 6.68 4.73
C SER B 190 -27.17 7.71 4.64
N VAL B 191 -26.80 8.97 4.83
CA VAL B 191 -27.78 10.06 4.84
C VAL B 191 -27.38 11.16 3.87
N VAL B 194 -29.54 16.22 4.70
CA VAL B 194 -29.63 17.30 5.67
C VAL B 194 -30.54 18.51 5.36
N PRO B 195 -30.79 18.85 4.05
CA PRO B 195 -31.53 20.09 3.75
C PRO B 195 -32.86 20.17 4.48
N SER B 196 -33.00 21.20 5.32
CA SER B 196 -34.12 21.27 6.26
C SER B 196 -35.38 21.84 5.61
N SER B 197 -35.26 22.91 4.84
CA SER B 197 -36.41 23.63 4.29
C SER B 197 -36.60 23.35 2.81
N SER B 198 -36.14 22.22 2.32
CA SER B 198 -36.22 21.90 0.91
C SER B 198 -36.39 20.40 0.71
N LEU B 199 -37.50 19.86 1.22
CA LEU B 199 -37.77 18.44 1.09
C LEU B 199 -38.44 18.11 -0.24
N GLY B 200 -39.36 18.96 -0.69
CA GLY B 200 -40.09 18.70 -1.91
C GLY B 200 -39.63 19.55 -3.08
N THR B 201 -38.35 19.91 -3.08
CA THR B 201 -37.81 20.71 -4.18
C THR B 201 -37.50 19.83 -5.39
N GLN B 202 -36.93 18.65 -5.15
CA GLN B 202 -36.67 17.70 -6.21
C GLN B 202 -36.88 16.29 -5.67
N THR B 203 -36.70 15.29 -6.53
CA THR B 203 -36.88 13.89 -6.15
C THR B 203 -35.51 13.34 -5.77
N TYR B 204 -35.18 13.43 -4.48
CA TYR B 204 -33.95 12.84 -3.97
C TYR B 204 -34.11 11.34 -3.89
N ILE B 205 -33.22 10.60 -4.53
CA ILE B 205 -33.22 9.14 -4.50
C ILE B 205 -31.79 8.67 -4.47
N CYS B 206 -31.55 7.56 -3.77
CA CYS B 206 -30.21 7.01 -3.64
C CYS B 206 -29.97 5.92 -4.67
N ASN B 207 -28.70 5.71 -4.95
CA ASN B 207 -28.22 4.69 -5.88
C ASN B 207 -27.28 3.79 -5.11
N VAL B 208 -27.69 2.56 -4.86
CA VAL B 208 -26.90 1.59 -4.11
C VAL B 208 -26.65 0.39 -4.99
N ASN B 209 -25.39 -0.06 -5.02
CA ASN B 209 -24.98 -1.18 -5.86
C ASN B 209 -24.16 -2.16 -5.04
N HIS B 210 -24.64 -3.40 -4.96
CA HIS B 210 -23.87 -4.52 -4.42
C HIS B 210 -23.33 -5.32 -5.60
N LYS B 211 -21.99 -5.36 -5.73
CA LYS B 211 -21.38 -5.91 -6.93
C LYS B 211 -21.52 -7.44 -7.02
N PRO B 212 -21.08 -8.23 -6.02
CA PRO B 212 -21.13 -9.69 -6.21
C PRO B 212 -22.54 -10.24 -6.31
N SER B 213 -23.53 -9.59 -5.69
CA SER B 213 -24.91 -10.02 -5.79
C SER B 213 -25.63 -9.41 -6.99
N ASN B 214 -24.97 -8.51 -7.72
CA ASN B 214 -25.56 -7.84 -8.88
C ASN B 214 -26.87 -7.16 -8.49
N THR B 215 -26.82 -6.40 -7.40
CA THR B 215 -28.00 -5.77 -6.83
C THR B 215 -27.88 -4.26 -7.01
N LYS B 216 -28.54 -3.73 -8.03
CA LYS B 216 -28.48 -2.29 -8.32
C LYS B 216 -29.84 -1.82 -8.82
N VAL B 217 -30.62 -1.22 -7.93
CA VAL B 217 -31.86 -0.55 -8.29
C VAL B 217 -31.96 0.73 -7.46
N ASP B 218 -32.34 1.82 -8.10
CA ASP B 218 -32.54 3.08 -7.40
C ASP B 218 -33.85 3.04 -6.62
N LYS B 219 -33.76 3.14 -5.30
CA LYS B 219 -34.94 3.08 -4.46
C LYS B 219 -34.76 3.93 -3.20
N ASP C 1 18.29 -9.03 4.95
CA ASP C 1 16.91 -9.21 5.38
C ASP C 1 16.67 -8.52 6.72
N ILE C 2 16.15 -7.30 6.66
CA ILE C 2 15.93 -6.49 7.86
C ILE C 2 14.45 -6.18 7.99
N GLN C 3 14.02 -5.93 9.23
CA GLN C 3 12.64 -5.63 9.56
C GLN C 3 12.51 -4.20 10.05
N MET C 4 11.29 -3.67 9.96
CA MET C 4 10.99 -2.28 10.29
C MET C 4 10.01 -2.22 11.44
N THR C 5 10.22 -1.25 12.34
CA THR C 5 9.40 -1.07 13.53
C THR C 5 8.88 0.37 13.55
N GLN C 6 7.57 0.52 13.75
CA GLN C 6 6.90 1.81 13.71
C GLN C 6 6.08 2.00 14.98
N SER C 7 6.18 3.19 15.59
CA SER C 7 5.47 3.49 16.83
C SER C 7 5.46 4.99 17.03
N PRO C 8 4.38 5.58 17.58
CA PRO C 8 3.16 4.89 17.99
C PRO C 8 2.23 4.56 16.82
N SER C 9 1.32 3.61 17.01
CA SER C 9 0.38 3.21 15.97
C SER C 9 -0.96 3.92 16.12
N SER C 10 -1.05 4.88 17.03
CA SER C 10 -2.24 5.71 17.19
C SER C 10 -1.79 7.00 17.85
N LEU C 11 -1.79 8.10 17.09
CA LEU C 11 -1.33 9.40 17.59
C LEU C 11 -2.38 10.43 17.21
N SER C 12 -3.24 10.77 18.18
CA SER C 12 -4.33 11.72 17.96
C SER C 12 -4.01 12.99 18.73
N ALA C 13 -3.51 14.00 18.02
CA ALA C 13 -3.21 15.30 18.59
C ALA C 13 -4.14 16.35 17.94
N SER C 14 -3.86 17.62 18.23
CA SER C 14 -4.72 18.73 17.82
C SER C 14 -4.02 19.55 16.74
N VAL C 15 -4.69 20.63 16.33
CA VAL C 15 -4.17 21.49 15.28
C VAL C 15 -2.88 22.16 15.74
N GLY C 16 -1.95 22.35 14.81
CA GLY C 16 -0.72 23.05 15.10
C GLY C 16 0.31 22.17 15.80
N ASP C 17 -0.13 21.07 16.37
CA ASP C 17 0.78 20.15 17.05
C ASP C 17 1.71 19.48 16.03
N ARG C 18 2.89 19.11 16.51
CA ARG C 18 3.91 18.48 15.68
C ARG C 18 3.86 16.97 15.91
N VAL C 19 3.23 16.25 14.98
CA VAL C 19 3.28 14.79 15.02
C VAL C 19 4.67 14.33 14.61
N THR C 20 5.27 13.49 15.45
CA THR C 20 6.64 13.01 15.25
C THR C 20 6.59 11.50 15.06
N ILE C 21 6.34 11.07 13.83
CA ILE C 21 6.25 9.65 13.52
C ILE C 21 7.65 9.15 13.22
N THR C 22 8.01 8.00 13.78
CA THR C 22 9.37 7.51 13.65
C THR C 22 9.37 6.01 13.45
N CYS C 23 10.35 5.54 12.68
CA CYS C 23 10.52 4.12 12.40
C CYS C 23 12.01 3.79 12.50
N ARG C 24 12.29 2.52 12.77
CA ARG C 24 13.68 2.06 12.81
C ARG C 24 13.79 0.54 12.62
N SER C 28 19.72 -2.28 11.06
CA SER C 28 20.52 -2.29 9.84
C SER C 28 19.75 -1.61 8.72
N VAL C 29 20.12 -0.36 8.41
CA VAL C 29 19.35 0.49 7.51
C VAL C 29 20.29 1.30 6.64
N SER C 30 19.70 2.09 5.76
CA SER C 30 20.42 2.99 4.86
C SER C 30 19.43 4.02 4.32
N SER C 31 19.88 4.82 3.34
CA SER C 31 19.07 5.92 2.81
C SER C 31 18.14 5.41 1.72
N ALA C 32 17.17 4.61 2.13
CA ALA C 32 16.18 4.05 1.22
C ALA C 32 14.90 3.74 2.01
N VAL C 33 14.19 4.80 2.41
CA VAL C 33 12.89 4.67 3.06
C VAL C 33 11.94 5.69 2.47
N ALA C 34 10.65 5.47 2.71
CA ALA C 34 9.61 6.31 2.14
C ALA C 34 8.47 6.44 3.13
N TRP C 35 7.67 7.49 2.94
CA TRP C 35 6.57 7.80 3.83
C TRP C 35 5.34 8.08 2.99
N TYR C 36 4.24 7.39 3.32
CA TYR C 36 2.95 7.56 2.67
C TYR C 36 1.87 7.90 3.69
N GLN C 37 0.80 8.52 3.21
CA GLN C 37 -0.43 8.68 3.97
C GLN C 37 -1.53 7.88 3.29
N GLN C 38 -2.64 7.69 4.01
CA GLN C 38 -3.75 6.94 3.44
C GLN C 38 -5.04 7.25 4.20
N LYS C 39 -6.06 7.66 3.46
CA LYS C 39 -7.40 7.74 4.02
C LYS C 39 -8.02 6.35 4.08
N PRO C 40 -8.89 6.10 5.06
CA PRO C 40 -9.47 4.75 5.21
C PRO C 40 -10.22 4.33 3.96
N GLY C 41 -9.90 3.12 3.49
CA GLY C 41 -10.52 2.61 2.28
C GLY C 41 -10.23 3.44 1.04
N LYS C 42 -9.08 4.11 1.01
CA LYS C 42 -8.70 4.97 -0.11
C LYS C 42 -7.29 4.61 -0.57
N ALA C 43 -6.93 5.17 -1.72
CA ALA C 43 -5.60 4.94 -2.27
C ALA C 43 -4.57 5.80 -1.53
N PRO C 44 -3.41 5.24 -1.20
CA PRO C 44 -2.36 6.04 -0.55
C PRO C 44 -1.74 7.05 -1.49
N LYS C 45 -0.72 7.77 -1.01
CA LYS C 45 -0.04 8.76 -1.81
C LYS C 45 1.42 8.81 -1.38
N LEU C 46 2.30 9.02 -2.36
CA LEU C 46 3.74 9.14 -2.08
C LEU C 46 4.01 10.52 -1.49
N LEU C 47 4.39 10.54 -0.20
CA LEU C 47 4.72 11.80 0.46
C LEU C 47 6.22 12.05 0.41
N ILE C 48 7.01 11.12 0.96
CA ILE C 48 8.47 11.28 1.02
C ILE C 48 9.13 10.01 0.50
N TYR C 49 10.31 10.18 -0.10
CA TYR C 49 11.07 9.05 -0.62
C TYR C 49 12.54 9.21 -0.26
N SER C 50 13.20 8.09 0.05
CA SER C 50 14.63 8.05 0.39
C SER C 50 14.98 8.99 1.54
N ALA C 51 13.98 9.37 2.32
CA ALA C 51 14.13 10.27 3.48
C ALA C 51 14.98 11.48 3.10
N SER C 52 14.65 12.09 1.97
CA SER C 52 15.45 13.20 1.46
C SER C 52 14.58 14.37 1.06
N SER C 53 13.77 14.20 0.03
CA SER C 53 13.00 15.30 -0.53
C SER C 53 11.54 14.89 -0.67
N LEU C 54 10.74 15.84 -1.14
CA LEU C 54 9.32 15.64 -1.34
C LEU C 54 9.03 15.14 -2.76
N TYR C 55 7.75 14.92 -3.04
CA TYR C 55 7.25 14.73 -4.38
C TYR C 55 6.70 16.08 -4.83
N SER C 56 6.99 16.51 -6.07
CA SER C 56 6.50 17.80 -6.53
C SER C 56 4.99 17.92 -6.31
N GLY C 57 4.57 18.97 -5.60
CA GLY C 57 3.18 19.17 -5.22
C GLY C 57 2.81 18.73 -3.80
N VAL C 58 3.69 18.02 -3.11
CA VAL C 58 3.43 17.58 -1.75
C VAL C 58 3.59 18.79 -0.85
N PRO C 59 2.73 18.98 0.15
CA PRO C 59 2.88 20.12 1.06
C PRO C 59 4.21 20.07 1.78
N SER C 60 4.75 21.26 2.06
CA SER C 60 6.07 21.39 2.67
C SER C 60 6.06 21.15 4.18
N ARG C 61 4.90 20.94 4.79
CA ARG C 61 4.86 20.67 6.22
C ARG C 61 5.41 19.28 6.55
N PHE C 62 5.30 18.34 5.61
CA PHE C 62 5.85 17.01 5.79
C PHE C 62 7.36 17.05 5.54
N SER C 63 8.14 16.50 6.46
CA SER C 63 9.58 16.47 6.30
C SER C 63 10.13 15.19 6.92
N GLY C 64 10.99 14.49 6.18
CA GLY C 64 11.52 13.24 6.66
C GLY C 64 13.03 13.16 6.57
N SER C 65 13.66 12.72 7.66
CA SER C 65 15.11 12.56 7.68
C SER C 65 15.48 11.53 8.73
N ARG C 66 16.76 11.15 8.75
CA ARG C 66 17.21 10.06 9.60
C ARG C 66 18.46 10.48 10.38
N SER C 67 18.67 9.76 11.48
CA SER C 67 19.91 9.83 12.25
C SER C 67 20.27 8.42 12.65
N GLY C 68 21.46 7.98 12.26
CA GLY C 68 21.84 6.59 12.48
C GLY C 68 20.81 5.64 11.91
N THR C 69 20.20 4.85 12.80
CA THR C 69 19.24 3.83 12.40
C THR C 69 17.79 4.28 12.57
N ASP C 70 17.55 5.57 12.78
CA ASP C 70 16.21 6.07 13.09
C ASP C 70 15.75 7.03 12.01
N PHE C 71 14.69 6.65 11.29
CA PHE C 71 14.03 7.52 10.30
C PHE C 71 12.82 8.18 10.94
N THR C 72 12.53 9.42 10.52
CA THR C 72 11.50 10.20 11.18
C THR C 72 10.82 11.14 10.19
N LEU C 73 9.49 11.08 10.19
CA LEU C 73 8.63 12.05 9.53
C LEU C 73 8.03 13.00 10.57
N THR C 74 7.99 14.28 10.22
CA THR C 74 7.44 15.31 11.09
C THR C 74 6.61 16.28 10.27
N ILE C 75 5.48 16.70 10.84
CA ILE C 75 4.62 17.70 10.24
C ILE C 75 4.73 18.97 11.07
N SER C 76 5.10 20.07 10.42
CA SER C 76 5.32 21.33 11.11
C SER C 76 4.04 21.84 11.76
N SER C 77 3.08 22.26 10.93
CA SER C 77 1.78 22.74 11.41
C SER C 77 0.71 21.82 10.85
N LEU C 78 0.12 21.01 11.73
CA LEU C 78 -0.89 20.06 11.30
C LEU C 78 -2.13 20.79 10.78
N GLN C 79 -2.75 20.22 9.76
CA GLN C 79 -3.95 20.74 9.14
C GLN C 79 -5.08 19.72 9.24
N PRO C 80 -6.34 20.13 9.10
CA PRO C 80 -7.44 19.16 9.24
C PRO C 80 -7.42 18.08 8.18
N GLU C 81 -7.01 18.40 6.95
CA GLU C 81 -6.96 17.38 5.91
C GLU C 81 -5.80 16.41 6.09
N ASP C 82 -4.90 16.68 7.03
CA ASP C 82 -3.77 15.80 7.29
C ASP C 82 -4.16 14.53 8.05
N PHE C 83 -5.45 14.31 8.28
CA PHE C 83 -5.91 13.09 8.92
C PHE C 83 -5.69 11.91 7.98
N ALA C 84 -4.81 10.99 8.37
CA ALA C 84 -4.50 9.82 7.57
C ALA C 84 -3.73 8.84 8.44
N THR C 85 -3.60 7.61 7.94
CA THR C 85 -2.77 6.59 8.56
C THR C 85 -1.45 6.56 7.81
N TYR C 86 -0.39 6.97 8.48
CA TYR C 86 0.92 7.14 7.85
C TYR C 86 1.73 5.86 7.94
N TYR C 87 2.33 5.47 6.81
CA TYR C 87 3.10 4.24 6.72
C TYR C 87 4.51 4.53 6.25
N CYS C 88 5.49 3.98 6.98
CA CYS C 88 6.89 4.05 6.60
C CYS C 88 7.26 2.75 5.87
N GLN C 89 7.88 2.90 4.71
CA GLN C 89 8.29 1.79 3.87
C GLN C 89 9.82 1.78 3.78
N GLN C 90 10.38 0.57 3.70
CA GLN C 90 11.83 0.41 3.57
C GLN C 90 12.13 -0.62 2.49
N GLY C 91 13.28 -0.46 1.84
CA GLY C 91 13.71 -1.39 0.82
C GLY C 91 14.09 -0.66 -0.44
N TYR C 92 14.04 -1.39 -1.55
CA TYR C 92 14.46 -0.87 -2.84
C TYR C 92 13.42 -1.25 -3.88
N ALA C 93 13.73 -0.98 -5.15
CA ALA C 93 12.78 -1.22 -6.25
C ALA C 93 12.25 -2.64 -6.29
N TRP C 94 12.91 -3.57 -5.60
CA TRP C 94 12.47 -4.95 -5.52
C TRP C 94 11.84 -5.31 -4.19
N ARG C 95 12.35 -4.79 -3.08
CA ARG C 95 11.87 -5.13 -1.75
C ARG C 95 10.96 -4.03 -1.21
N ASN C 96 9.78 -4.42 -0.77
CA ASN C 96 8.85 -3.56 -0.07
C ASN C 96 8.63 -4.11 1.33
N THR C 97 8.71 -3.25 2.34
CA THR C 97 8.37 -3.65 3.70
C THR C 97 7.82 -2.43 4.44
N PHE C 98 6.84 -2.68 5.28
CA PHE C 98 6.15 -1.62 6.01
C PHE C 98 6.28 -1.85 7.51
N GLY C 99 5.54 -1.06 8.28
CA GLY C 99 5.57 -1.11 9.72
C GLY C 99 4.18 -1.34 10.29
N GLN C 100 4.04 -0.96 11.56
CA GLN C 100 2.74 -1.10 12.22
C GLN C 100 1.70 -0.15 11.64
N GLY C 101 2.14 0.94 11.02
CA GLY C 101 1.22 2.01 10.70
C GLY C 101 0.98 2.93 11.88
N THR C 102 0.80 4.22 11.57
CA THR C 102 0.51 5.23 12.58
C THR C 102 -0.77 5.97 12.21
N LYS C 103 -1.78 5.86 13.07
CA LYS C 103 -3.05 6.54 12.85
C LYS C 103 -2.97 7.96 13.41
N VAL C 104 -3.41 8.93 12.62
CA VAL C 104 -3.40 10.32 13.05
C VAL C 104 -4.80 10.91 12.93
N ARG C 108 -9.94 19.92 17.28
CA ARG C 108 -10.53 18.98 18.24
C ARG C 108 -11.52 19.68 19.15
N THR C 109 -12.17 20.72 18.62
CA THR C 109 -13.14 21.49 19.39
C THR C 109 -14.46 20.73 19.46
N VAL C 110 -15.01 20.61 20.67
CA VAL C 110 -16.25 19.87 20.87
C VAL C 110 -17.40 20.58 20.18
N ALA C 111 -18.23 19.82 19.48
CA ALA C 111 -19.39 20.33 18.76
C ALA C 111 -20.66 19.66 19.30
N ALA C 112 -21.79 20.01 18.69
CA ALA C 112 -23.10 19.58 19.18
C ALA C 112 -23.65 18.45 18.32
N PRO C 113 -24.07 17.34 18.94
CA PRO C 113 -24.68 16.24 18.17
C PRO C 113 -26.19 16.36 18.06
N SER C 114 -26.71 16.40 16.83
CA SER C 114 -28.15 16.38 16.58
C SER C 114 -28.56 14.96 16.24
N VAL C 115 -29.46 14.38 17.03
CA VAL C 115 -29.81 12.98 16.94
C VAL C 115 -31.11 12.83 16.16
N PHE C 116 -31.04 12.12 15.05
CA PHE C 116 -32.22 11.66 14.32
C PHE C 116 -32.34 10.15 14.45
N ILE C 117 -33.56 9.65 14.36
CA ILE C 117 -33.79 8.21 14.19
C ILE C 117 -35.18 8.04 13.59
N PHE C 118 -35.27 7.21 12.55
CA PHE C 118 -36.48 7.17 11.74
C PHE C 118 -37.15 5.80 11.85
N PRO C 119 -38.46 5.74 11.65
CA PRO C 119 -39.19 4.49 11.84
C PRO C 119 -38.91 3.49 10.72
N PRO C 120 -39.36 2.25 10.86
CA PRO C 120 -39.23 1.29 9.76
C PRO C 120 -40.11 1.68 8.58
N SER C 121 -39.90 0.96 7.47
CA SER C 121 -40.64 1.19 6.24
C SER C 121 -41.68 0.09 6.03
N ASP C 122 -42.72 0.44 5.26
CA ASP C 122 -43.80 -0.52 4.99
C ASP C 122 -43.29 -1.73 4.22
N SER C 123 -42.41 -1.51 3.25
CA SER C 123 -41.84 -2.61 2.49
C SER C 123 -40.95 -3.49 3.35
N GLN C 124 -40.47 -2.98 4.48
CA GLN C 124 -39.68 -3.79 5.42
C GLN C 124 -40.54 -4.68 6.30
N LEU C 125 -41.80 -4.30 6.52
CA LEU C 125 -42.68 -5.06 7.40
C LEU C 125 -43.27 -6.31 6.74
N LYS C 126 -43.26 -6.37 5.41
CA LYS C 126 -43.83 -7.53 4.73
C LYS C 126 -43.04 -8.79 5.02
N SER C 127 -41.71 -8.67 5.14
CA SER C 127 -40.87 -9.83 5.43
C SER C 127 -40.95 -10.22 6.91
N GLY C 128 -41.28 -9.28 7.78
CA GLY C 128 -41.37 -9.53 9.20
C GLY C 128 -40.30 -8.84 10.05
N THR C 129 -39.68 -7.78 9.55
CA THR C 129 -38.57 -7.12 10.23
C THR C 129 -38.86 -5.62 10.35
N ALA C 130 -38.09 -4.95 11.21
CA ALA C 130 -38.33 -3.54 11.47
C ALA C 130 -37.09 -2.93 12.12
N SER C 131 -36.98 -1.62 12.00
CA SER C 131 -35.90 -0.86 12.62
C SER C 131 -36.26 0.62 12.72
N LEU C 136 -25.92 11.90 16.09
CA LEU C 136 -25.66 11.06 14.93
C LEU C 136 -25.17 11.90 13.75
N ASN C 137 -24.67 13.10 14.04
CA ASN C 137 -24.22 14.00 12.99
C ASN C 137 -23.14 14.92 13.52
N ASN C 138 -21.93 14.78 12.98
CA ASN C 138 -20.86 15.77 13.10
C ASN C 138 -20.64 16.22 14.54
N PHE C 139 -20.33 15.25 15.40
CA PHE C 139 -20.06 15.51 16.81
C PHE C 139 -18.63 15.10 17.13
N TYR C 140 -17.89 16.01 17.77
CA TYR C 140 -16.52 15.70 18.14
C TYR C 140 -16.40 14.69 19.27
N PRO C 141 -17.11 14.83 20.40
CA PRO C 141 -16.85 13.94 21.54
C PRO C 141 -17.04 12.48 21.20
N ARG C 142 -16.40 11.63 22.00
CA ARG C 142 -16.48 10.18 21.82
C ARG C 142 -17.90 9.68 21.98
N ALA C 153 -36.73 1.31 27.89
CA ALA C 153 -36.21 -0.06 27.92
C ALA C 153 -34.80 -0.12 27.33
N LEU C 154 -33.81 -0.27 28.22
CA LEU C 154 -32.41 -0.29 27.84
C LEU C 154 -31.92 -1.74 27.73
N GLN C 155 -30.99 -1.96 26.79
CA GLN C 155 -30.40 -3.27 26.60
C GLN C 155 -29.02 -3.35 27.25
N GLY C 157 -25.10 -3.94 24.31
CA GLY C 157 -25.38 -3.21 23.08
C GLY C 157 -26.01 -4.08 22.00
N ASN C 158 -27.27 -4.47 22.22
CA ASN C 158 -27.98 -5.35 21.29
C ASN C 158 -28.32 -4.63 19.99
N SER C 159 -29.25 -3.68 20.02
CA SER C 159 -29.40 -2.75 18.91
C SER C 159 -28.03 -2.18 18.56
N GLN C 160 -27.62 -2.38 17.33
CA GLN C 160 -26.23 -2.18 16.95
C GLN C 160 -25.94 -0.70 16.69
N GLU C 161 -24.66 -0.39 16.63
CA GLU C 161 -24.19 0.97 16.38
C GLU C 161 -22.95 0.92 15.52
N SER C 162 -22.82 1.92 14.65
CA SER C 162 -21.72 2.00 13.70
C SER C 162 -21.08 3.38 13.79
N VAL C 163 -19.76 3.42 13.58
CA VAL C 163 -18.96 4.63 13.74
C VAL C 163 -18.30 4.95 12.41
N THR C 164 -18.21 6.25 12.09
CA THR C 164 -17.46 6.72 10.94
C THR C 164 -16.09 7.21 11.38
N GLU C 165 -15.22 7.44 10.40
CA GLU C 165 -13.91 7.98 10.68
C GLU C 165 -13.99 9.51 10.78
N GLN C 166 -12.85 10.11 11.14
CA GLN C 166 -12.80 11.54 11.37
C GLN C 166 -12.95 12.30 10.07
N ASP C 167 -13.71 13.40 10.12
CA ASP C 167 -14.04 14.19 8.94
C ASP C 167 -12.88 15.11 8.55
N SER C 168 -13.02 15.74 7.37
CA SER C 168 -11.87 16.36 6.71
C SER C 168 -11.50 17.70 7.36
N LYS C 169 -12.33 18.73 7.17
CA LYS C 169 -12.26 19.93 7.99
C LYS C 169 -13.03 19.79 9.30
N ASP C 170 -14.15 19.09 9.24
CA ASP C 170 -15.07 18.97 10.36
C ASP C 170 -14.36 18.32 11.54
N SER C 171 -13.51 17.35 11.23
CA SER C 171 -12.84 16.49 12.21
C SER C 171 -13.84 15.87 13.17
N THR C 172 -15.07 15.74 12.70
CA THR C 172 -16.19 15.21 13.47
C THR C 172 -16.50 13.78 13.02
N TYR C 173 -17.48 13.16 13.67
CA TYR C 173 -17.79 11.75 13.47
C TYR C 173 -19.29 11.60 13.31
N SER C 174 -19.74 10.35 13.22
CA SER C 174 -21.16 10.04 13.09
C SER C 174 -21.42 8.63 13.58
N LEU C 175 -22.56 8.46 14.26
CA LEU C 175 -22.98 7.18 14.78
C LEU C 175 -24.32 6.79 14.15
N SER C 176 -24.70 5.53 14.37
CA SER C 176 -25.97 5.00 13.87
C SER C 176 -26.66 4.24 14.98
N SER C 177 -27.99 4.24 14.91
CA SER C 177 -28.84 3.53 15.86
C SER C 177 -29.55 2.44 15.06
N THR C 178 -28.96 1.24 15.03
CA THR C 178 -29.51 0.14 14.24
C THR C 178 -30.45 -0.68 15.13
N LEU C 179 -31.75 -0.48 14.96
CA LEU C 179 -32.72 -1.22 15.75
C LEU C 179 -32.87 -2.63 15.17
N THR C 180 -32.26 -3.58 15.86
CA THR C 180 -32.11 -4.96 15.43
C THR C 180 -33.40 -5.72 15.76
N LEU C 181 -34.48 -5.33 15.08
CA LEU C 181 -35.80 -5.78 15.48
C LEU C 181 -36.54 -6.43 14.32
N SER C 182 -37.54 -7.23 14.67
CA SER C 182 -38.37 -7.95 13.73
C SER C 182 -39.84 -7.75 14.11
N LYS C 183 -40.73 -8.29 13.27
CA LYS C 183 -42.16 -8.14 13.53
C LYS C 183 -42.63 -8.99 14.70
N ALA C 184 -41.77 -9.85 15.25
CA ALA C 184 -42.12 -10.54 16.49
C ALA C 184 -42.45 -9.55 17.59
N ASP C 185 -41.87 -8.35 17.54
CA ASP C 185 -42.22 -7.28 18.46
C ASP C 185 -43.02 -6.21 17.74
N TYR C 186 -44.17 -6.60 17.17
CA TYR C 186 -45.02 -5.69 16.43
C TYR C 186 -45.51 -4.56 17.34
N GLU C 187 -46.31 -4.89 18.34
CA GLU C 187 -46.82 -3.90 19.29
C GLU C 187 -46.17 -4.03 20.66
N LYS C 188 -45.00 -4.65 20.74
CA LYS C 188 -44.34 -4.86 22.02
C LYS C 188 -43.97 -3.53 22.68
N HIS C 189 -43.21 -2.70 21.97
CA HIS C 189 -42.78 -1.40 22.48
C HIS C 189 -43.06 -0.34 21.42
N LYS C 190 -43.92 0.63 21.76
CA LYS C 190 -44.13 1.76 20.87
C LYS C 190 -43.01 2.79 20.98
N VAL C 191 -42.39 2.89 22.16
CA VAL C 191 -41.30 3.82 22.39
C VAL C 191 -40.05 3.35 21.65
N CYS C 194 -33.76 7.53 22.40
CA CYS C 194 -32.35 7.72 22.05
C CYS C 194 -31.48 7.78 23.30
N GLU C 195 -30.21 7.43 23.15
CA GLU C 195 -29.28 7.30 24.29
C GLU C 195 -28.02 8.07 24.01
N VAL C 196 -27.88 9.25 24.62
CA VAL C 196 -26.66 10.04 24.56
C VAL C 196 -26.23 10.38 25.98
N THR C 197 -24.94 10.63 26.14
CA THR C 197 -24.38 10.89 27.46
C THR C 197 -24.01 12.36 27.62
N SER C 202 -25.25 16.85 28.72
CA SER C 202 -25.91 16.63 30.00
C SER C 202 -27.17 15.79 29.84
N SER C 203 -28.20 16.41 29.25
CA SER C 203 -29.51 15.77 29.14
C SER C 203 -29.48 14.63 28.14
N PRO C 204 -29.80 13.40 28.54
CA PRO C 204 -29.95 12.31 27.55
C PRO C 204 -31.14 12.56 26.64
N VAL C 205 -30.89 12.83 25.37
CA VAL C 205 -31.95 13.15 24.42
C VAL C 205 -32.83 11.93 24.22
N THR C 206 -34.13 12.09 24.48
CA THR C 206 -35.11 11.02 24.31
C THR C 206 -36.08 11.46 23.22
N LYS C 207 -35.68 11.22 21.97
CA LYS C 207 -36.54 11.46 20.81
C LYS C 207 -37.10 10.17 20.24
N SER C 208 -37.11 9.10 21.03
CA SER C 208 -37.71 7.82 20.64
C SER C 208 -39.22 8.01 20.53
N PHE C 209 -39.71 8.13 19.31
CA PHE C 209 -41.12 8.43 19.07
C PHE C 209 -41.96 7.16 19.16
N ASN C 210 -43.27 7.34 19.14
CA ASN C 210 -44.24 6.25 19.16
C ASN C 210 -44.94 6.14 17.80
N ARG C 211 -45.72 5.09 17.65
CA ARG C 211 -46.46 4.84 16.42
C ARG C 211 -47.81 5.53 16.45
N GLY C 212 -48.35 5.78 15.26
CA GLY C 212 -49.65 6.42 15.12
C GLY C 212 -50.14 6.47 13.69
C1 NAG D . 33.72 -20.74 -6.64
C2 NAG D . 33.40 -22.23 -6.57
C3 NAG D . 32.78 -22.56 -5.22
C4 NAG D . 33.67 -22.07 -4.08
C5 NAG D . 33.98 -20.59 -4.27
C6 NAG D . 34.96 -20.06 -3.25
C7 NAG D . 32.91 -23.28 -8.74
C8 NAG D . 34.39 -23.61 -8.81
N2 NAG D . 32.51 -22.63 -7.65
O3 NAG D . 32.59 -23.98 -5.11
O4 NAG D . 33.01 -22.25 -2.83
O5 NAG D . 34.57 -20.37 -5.56
O6 NAG D . 34.94 -20.84 -2.05
O7 NAG D . 32.14 -23.61 -9.64
C1 NAG E . 18.27 -18.32 -1.56
C2 NAG E . 19.21 -19.51 -1.77
C3 NAG E . 18.45 -20.83 -1.65
C4 NAG E . 17.68 -20.88 -0.33
C5 NAG E . 16.79 -19.65 -0.20
C6 NAG E . 16.07 -19.58 1.12
C7 NAG E . 21.01 -18.77 -3.28
C8 NAG E . 21.53 -18.79 -4.68
N2 NAG E . 19.86 -19.42 -3.07
O3 NAG E . 19.36 -21.91 -1.71
O4 NAG E . 16.89 -22.06 -0.27
O5 NAG E . 17.59 -18.46 -0.30
O6 NAG E . 15.16 -20.66 1.28
O7 NAG E . 21.58 -18.18 -2.37
#